data_3FDX
#
_entry.id   3FDX
#
_cell.length_a   67.684
_cell.length_b   67.684
_cell.length_c   161.370
_cell.angle_alpha   90.000
_cell.angle_beta   90.000
_cell.angle_gamma   120.000
#
_symmetry.space_group_name_H-M   'P 31 2 1'
#
loop_
_entity.id
_entity.type
_entity.pdbx_description
1 polymer 'Putative filament protein / universal stress protein F'
2 non-polymer "ADENOSINE-5'-TRIPHOSPHATE"
3 non-polymer 'MAGNESIUM ION'
4 non-polymer 'FORMIC ACID'
5 water water
#
_entity_poly.entity_id   1
_entity_poly.type   'polypeptide(L)'
_entity_poly.pdbx_seq_one_letter_code
;SNAILVPIDISDKEFTERIISHVESEARIDDAEVHFLTVIPSLPYYASLG(MSE)AYTAELPG(MSE)DELREGSETQLK
EIAKKFSIPEDR(MSE)HFHVAEGSPKDKILALAKSLPADLVIIASHRPDITTYLLGSNAAAVVRHAECSVLVVR
;
_entity_poly.pdbx_strand_id   A,B
#
loop_
_chem_comp.id
_chem_comp.type
_chem_comp.name
_chem_comp.formula
ATP non-polymer ADENOSINE-5'-TRIPHOSPHATE 'C10 H16 N5 O13 P3'
FMT non-polymer 'FORMIC ACID' 'C H2 O2'
MG non-polymer 'MAGNESIUM ION' 'Mg 2'
#
# COMPACT_ATOMS: atom_id res chain seq x y z
N SER A 1 21.17 17.54 9.38
CA SER A 1 19.69 17.72 9.55
C SER A 1 19.29 17.91 11.04
N ASN A 2 18.34 18.82 11.29
N ASN A 2 18.29 18.75 11.33
CA ASN A 2 17.83 19.21 12.61
CA ASN A 2 17.90 19.10 12.70
C ASN A 2 16.76 18.23 13.15
C ASN A 2 16.58 18.55 13.27
N ALA A 3 15.68 18.06 12.40
CA ALA A 3 14.56 17.15 12.79
C ALA A 3 14.52 16.02 11.81
N ILE A 4 14.86 14.83 12.24
CA ILE A 4 14.89 13.64 11.38
C ILE A 4 13.71 12.73 11.72
N LEU A 5 12.88 12.41 10.70
CA LEU A 5 11.75 11.51 10.86
C LEU A 5 12.20 10.11 10.43
N VAL A 6 11.99 9.14 11.31
CA VAL A 6 12.39 7.75 11.14
C VAL A 6 11.13 6.86 11.29
N PRO A 7 10.45 6.61 10.17
CA PRO A 7 9.28 5.73 10.26
C PRO A 7 9.73 4.27 10.35
N ILE A 8 9.12 3.54 11.28
CA ILE A 8 9.42 2.15 11.52
C ILE A 8 8.12 1.37 11.56
N ASP A 9 8.08 0.32 10.75
CA ASP A 9 7.01 -0.65 10.78
C ASP A 9 7.31 -1.70 11.86
N ILE A 10 6.61 -1.64 12.99
CA ILE A 10 7.00 -2.49 14.13
C ILE A 10 6.71 -3.98 13.94
N SER A 11 5.94 -4.29 12.89
CA SER A 11 5.60 -5.67 12.56
C SER A 11 6.69 -6.32 11.74
N ASP A 12 7.60 -5.53 11.17
CA ASP A 12 8.76 -6.06 10.45
C ASP A 12 9.23 -7.28 11.22
N LYS A 13 8.74 -8.45 10.80
CA LYS A 13 9.18 -9.74 11.30
C LYS A 13 10.69 -9.70 11.47
N GLU A 14 11.37 -9.15 10.49
CA GLU A 14 12.79 -8.89 10.59
C GLU A 14 13.00 -7.39 10.47
N PHE A 15 13.62 -6.80 11.48
CA PHE A 15 13.87 -5.37 11.48
C PHE A 15 14.88 -5.05 10.40
N THR A 16 14.77 -3.87 9.81
CA THR A 16 15.75 -3.39 8.83
C THR A 16 17.01 -2.84 9.53
N GLU A 17 17.93 -3.77 9.86
CA GLU A 17 19.11 -3.44 10.67
CA GLU A 17 19.19 -3.52 10.59
C GLU A 17 20.02 -2.35 10.09
N ARG A 18 20.04 -2.18 8.74
CA ARG A 18 21.00 -1.23 8.12
CA ARG A 18 20.93 -1.23 8.04
C ARG A 18 20.57 0.22 8.33
N ILE A 19 19.37 0.41 8.82
CA ILE A 19 18.97 1.78 9.03
CA ILE A 19 18.86 1.70 9.11
C ILE A 19 19.67 2.30 10.28
N ILE A 20 20.13 1.42 11.14
CA ILE A 20 20.65 1.89 12.44
C ILE A 20 21.86 2.81 12.23
N SER A 21 22.84 2.32 11.49
CA SER A 21 24.06 3.12 11.28
C SER A 21 23.77 4.45 10.58
N HIS A 22 22.87 4.43 9.60
CA HIS A 22 22.47 5.67 8.93
C HIS A 22 21.75 6.67 9.81
N VAL A 23 20.79 6.23 10.63
CA VAL A 23 20.10 7.13 11.53
C VAL A 23 21.10 7.74 12.50
N GLU A 24 21.93 6.87 13.07
CA GLU A 24 22.95 7.30 14.04
C GLU A 24 23.91 8.34 13.43
N SER A 25 24.40 8.10 12.22
CA SER A 25 25.30 9.00 11.55
C SER A 25 24.61 10.31 11.23
N GLU A 26 23.40 10.24 10.63
CA GLU A 26 22.71 11.45 10.29
C GLU A 26 22.42 12.32 11.54
N ALA A 27 22.07 11.66 12.64
CA ALA A 27 21.77 12.37 13.88
C ALA A 27 23.01 13.07 14.45
N ARG A 28 24.15 12.45 14.26
CA ARG A 28 25.43 13.04 14.78
C ARG A 28 25.89 14.29 14.03
N ILE A 29 25.43 14.49 12.81
CA ILE A 29 25.87 15.63 11.97
C ILE A 29 25.59 16.96 12.65
N ASP A 30 24.35 17.13 13.13
CA ASP A 30 23.91 18.36 13.81
C ASP A 30 23.27 18.11 15.22
N ASP A 31 23.51 16.95 15.86
CA ASP A 31 22.76 16.52 17.07
C ASP A 31 21.24 16.61 16.93
C ASP A 31 21.30 16.89 16.74
N ALA A 32 20.76 16.18 15.76
N ALA A 32 20.74 16.11 15.82
CA ALA A 32 19.36 16.28 15.44
C ALA A 32 18.45 15.74 16.52
N GLU A 33 17.23 16.22 16.44
CA GLU A 33 16.12 15.53 17.15
C GLU A 33 15.66 14.38 16.26
N VAL A 34 15.49 13.20 16.82
CA VAL A 34 15.18 11.99 16.07
C VAL A 34 13.74 11.59 16.46
N HIS A 35 12.86 11.61 15.46
CA HIS A 35 11.44 11.33 15.71
C HIS A 35 11.09 9.97 15.09
N PHE A 36 10.86 8.98 15.93
CA PHE A 36 10.45 7.65 15.47
C PHE A 36 8.91 7.66 15.35
N LEU A 37 8.40 7.09 14.25
CA LEU A 37 6.95 7.04 14.01
C LEU A 37 6.59 5.62 13.60
N THR A 38 5.51 5.09 14.20
CA THR A 38 4.96 3.82 13.65
C THR A 38 3.46 4.10 13.42
N VAL A 39 2.95 3.57 12.28
CA VAL A 39 1.59 3.82 11.86
C VAL A 39 0.90 2.46 11.93
N ILE A 40 -0.21 2.38 12.67
N ILE A 40 -0.17 2.40 12.74
CA ILE A 40 -0.88 1.09 12.92
CA ILE A 40 -1.05 1.23 12.85
C ILE A 40 -2.24 1.08 12.20
C ILE A 40 -2.13 1.39 11.79
N PRO A 41 -2.90 -0.09 12.15
N PRO A 41 -2.14 0.46 10.83
CA PRO A 41 -4.24 -0.15 11.56
CA PRO A 41 -2.98 0.49 9.64
C PRO A 41 -5.27 0.67 12.34
C PRO A 41 -4.31 -0.23 9.85
N SER A 42 -6.19 1.31 11.62
CA SER A 42 -7.20 2.18 12.22
C SER A 42 -8.58 1.52 12.18
N GLY A 59 -9.02 -2.62 22.55
CA GLY A 59 -9.32 -1.22 22.22
C GLY A 59 -8.13 -0.53 21.59
N MSE A 60 -8.41 0.60 20.92
CA MSE A 60 -7.36 1.34 20.20
CA MSE A 60 -7.39 1.34 20.20
C MSE A 60 -6.38 1.97 21.17
O MSE A 60 -5.21 2.04 20.87
CB MSE A 60 -7.94 2.43 19.28
CB MSE A 60 -8.07 2.38 19.31
CG MSE A 60 -7.67 2.16 17.77
CG MSE A 60 -8.74 1.75 18.08
SE MSE A 60 -5.79 2.18 17.20
SE MSE A 60 -7.42 0.92 16.88
CE MSE A 60 -5.41 4.03 17.55
CE MSE A 60 -6.13 2.37 16.90
N ASP A 61 -6.83 2.39 22.35
CA ASP A 61 -5.85 2.93 23.34
C ASP A 61 -4.80 1.88 23.65
N GLU A 62 -5.25 0.68 23.89
CA GLU A 62 -4.35 -0.41 24.22
C GLU A 62 -3.41 -0.74 23.05
N LEU A 63 -3.98 -0.76 21.84
CA LEU A 63 -3.16 -1.04 20.65
C LEU A 63 -2.11 0.06 20.45
N ARG A 64 -2.49 1.31 20.65
CA ARG A 64 -1.55 2.44 20.53
C ARG A 64 -0.42 2.34 21.55
N GLU A 65 -0.78 2.03 22.79
CA GLU A 65 0.24 1.95 23.82
CA GLU A 65 0.20 1.89 23.89
C GLU A 65 1.18 0.77 23.58
N GLY A 66 0.65 -0.36 23.15
CA GLY A 66 1.52 -1.50 22.92
C GLY A 66 2.41 -1.23 21.71
N SER A 67 1.88 -0.51 20.74
CA SER A 67 2.67 -0.16 19.56
C SER A 67 3.83 0.78 19.92
N GLU A 68 3.53 1.75 20.77
CA GLU A 68 4.56 2.66 21.27
C GLU A 68 5.63 1.91 22.05
N THR A 69 5.25 0.94 22.87
CA THR A 69 6.21 0.13 23.61
C THR A 69 7.15 -0.65 22.69
N GLN A 70 6.58 -1.25 21.63
CA GLN A 70 7.40 -1.99 20.67
C GLN A 70 8.36 -1.07 19.90
N LEU A 71 7.88 0.13 19.60
CA LEU A 71 8.66 1.13 18.88
C LEU A 71 9.84 1.62 19.77
N LYS A 72 9.55 1.84 21.06
CA LYS A 72 10.66 2.19 21.98
C LYS A 72 11.64 1.04 22.13
N GLU A 73 11.17 -0.19 22.07
CA GLU A 73 12.10 -1.33 22.20
CA GLU A 73 12.08 -1.34 22.21
C GLU A 73 13.04 -1.38 21.02
N ILE A 74 12.51 -1.13 19.82
CA ILE A 74 13.35 -1.06 18.62
C ILE A 74 14.37 0.08 18.71
N ALA A 75 13.93 1.22 19.21
CA ALA A 75 14.77 2.36 19.36
C ALA A 75 15.95 2.14 20.30
N LYS A 76 15.84 1.15 21.17
CA LYS A 76 16.94 0.80 22.08
C LYS A 76 18.18 0.30 21.33
N LYS A 77 17.99 -0.11 20.08
CA LYS A 77 19.05 -0.59 19.23
C LYS A 77 19.94 0.57 18.72
N PHE A 78 19.50 1.80 18.90
CA PHE A 78 20.16 2.95 18.27
C PHE A 78 20.98 3.75 19.30
N SER A 79 22.19 4.08 18.94
CA SER A 79 23.07 4.91 19.79
C SER A 79 22.80 6.39 19.54
N ILE A 80 21.78 6.91 20.19
CA ILE A 80 21.32 8.28 20.07
C ILE A 80 21.02 8.73 21.52
N PRO A 81 21.35 9.97 21.88
CA PRO A 81 21.06 10.38 23.27
C PRO A 81 19.59 10.29 23.60
N GLU A 82 19.28 9.90 24.83
CA GLU A 82 17.88 9.75 25.21
CA GLU A 82 17.90 9.77 25.28
C GLU A 82 17.07 11.02 25.01
N ASP A 83 17.66 12.17 25.29
CA ASP A 83 17.05 13.51 25.23
CA ASP A 83 16.86 13.40 25.25
C ASP A 83 16.61 13.83 23.81
N ARG A 84 17.22 13.17 22.84
CA ARG A 84 16.99 13.50 21.45
C ARG A 84 16.01 12.57 20.77
N MSE A 85 15.54 11.55 21.44
CA MSE A 85 14.60 10.62 20.81
C MSE A 85 13.18 10.99 21.18
O MSE A 85 12.86 11.23 22.37
CB MSE A 85 14.91 9.18 21.17
CG MSE A 85 16.25 8.66 20.61
SE MSE A 85 16.60 6.81 20.86
CE MSE A 85 17.23 6.99 22.63
N HIS A 86 12.28 10.90 20.19
CA HIS A 86 10.91 11.22 20.39
C HIS A 86 10.08 10.19 19.68
N PHE A 87 8.90 9.89 20.23
CA PHE A 87 8.10 8.77 19.76
C PHE A 87 6.71 9.22 19.34
N HIS A 88 6.24 8.63 18.23
CA HIS A 88 4.94 8.97 17.63
C HIS A 88 4.23 7.73 17.12
N VAL A 89 2.93 7.62 17.47
CA VAL A 89 2.09 6.57 16.91
C VAL A 89 0.94 7.24 16.18
N ALA A 90 0.69 6.79 14.96
CA ALA A 90 -0.47 7.29 14.22
C ALA A 90 -1.25 6.10 13.71
N GLU A 91 -2.43 6.40 13.15
CA GLU A 91 -3.33 5.39 12.67
C GLU A 91 -3.72 5.67 11.25
N GLY A 92 -3.69 4.61 10.45
CA GLY A 92 -4.21 4.65 9.08
C GLY A 92 -3.22 4.26 8.05
N SER A 93 -3.20 5.01 6.95
CA SER A 93 -2.32 4.76 5.86
C SER A 93 -0.87 5.18 6.25
N PRO A 94 0.08 4.28 6.19
CA PRO A 94 1.46 4.66 6.55
C PRO A 94 2.00 5.83 5.72
N LYS A 95 1.86 5.78 4.40
CA LYS A 95 2.42 6.90 3.59
C LYS A 95 1.74 8.22 3.95
N ASP A 96 0.42 8.23 4.19
CA ASP A 96 -0.26 9.48 4.44
C ASP A 96 0.24 10.06 5.80
N LYS A 97 0.34 9.19 6.81
CA LYS A 97 0.72 9.66 8.16
C LYS A 97 2.20 10.02 8.27
N ILE A 98 3.05 9.29 7.55
CA ILE A 98 4.47 9.66 7.42
C ILE A 98 4.58 11.04 6.81
N LEU A 99 3.92 11.26 5.68
CA LEU A 99 3.98 12.56 5.06
C LEU A 99 3.36 13.67 5.87
N ALA A 100 2.24 13.43 6.58
CA ALA A 100 1.66 14.44 7.43
C ALA A 100 2.60 14.89 8.54
N LEU A 101 3.29 13.93 9.16
CA LEU A 101 4.20 14.25 10.27
C LEU A 101 5.46 14.94 9.72
N ALA A 102 5.94 14.50 8.55
CA ALA A 102 7.07 15.18 7.93
C ALA A 102 6.76 16.68 7.70
N LYS A 103 5.52 16.97 7.34
CA LYS A 103 5.10 18.31 7.11
C LYS A 103 4.91 19.11 8.39
N SER A 104 4.33 18.49 9.40
CA SER A 104 3.95 19.17 10.62
C SER A 104 5.12 19.39 11.57
N LEU A 105 6.11 18.51 11.58
CA LEU A 105 7.23 18.67 12.53
C LEU A 105 7.90 20.06 12.49
N PRO A 106 8.38 20.54 11.34
CA PRO A 106 8.59 19.80 10.11
C PRO A 106 9.92 19.05 10.13
N ALA A 107 9.95 17.97 9.37
CA ALA A 107 11.18 17.15 9.23
C ALA A 107 12.08 17.82 8.20
N ASP A 108 13.37 17.78 8.46
CA ASP A 108 14.46 18.17 7.54
CA ASP A 108 14.29 18.17 7.38
C ASP A 108 14.95 16.98 6.73
N LEU A 109 14.70 15.80 7.23
CA LEU A 109 15.10 14.57 6.57
C LEU A 109 14.15 13.46 6.96
N VAL A 110 13.76 12.60 6.01
CA VAL A 110 13.09 11.34 6.36
C VAL A 110 14.05 10.22 5.99
N ILE A 111 14.23 9.26 6.87
CA ILE A 111 15.12 8.11 6.67
C ILE A 111 14.22 6.86 6.60
N ILE A 112 14.20 6.18 5.46
CA ILE A 112 13.28 5.04 5.26
CA ILE A 112 13.27 5.07 5.25
C ILE A 112 14.02 3.92 4.58
N ALA A 113 13.78 2.68 4.93
CA ALA A 113 14.36 1.57 4.18
C ALA A 113 13.62 1.39 2.81
N SER A 114 14.30 0.81 1.85
CA SER A 114 13.72 0.61 0.52
C SER A 114 12.49 -0.31 0.53
N HIS A 115 12.52 -1.35 1.36
CA HIS A 115 11.43 -2.32 1.47
C HIS A 115 11.72 -3.20 2.70
N ARG A 116 10.80 -4.13 2.99
CA ARG A 116 11.00 -5.09 4.08
CA ARG A 116 11.03 -5.01 4.11
C ARG A 116 12.16 -6.00 3.81
N PRO A 117 12.91 -6.39 4.86
CA PRO A 117 14.18 -7.07 4.51
C PRO A 117 14.05 -8.43 3.80
N ASP A 118 12.94 -9.11 4.01
CA ASP A 118 12.76 -10.50 3.53
C ASP A 118 12.08 -10.61 2.17
N ILE A 119 11.80 -9.48 1.51
CA ILE A 119 10.98 -9.47 0.30
C ILE A 119 11.73 -8.70 -0.77
N THR A 120 12.02 -9.35 -1.88
CA THR A 120 12.86 -8.77 -2.92
C THR A 120 12.13 -8.54 -4.24
N THR A 121 10.85 -8.90 -4.33
CA THR A 121 10.10 -8.68 -5.57
C THR A 121 10.07 -7.24 -6.05
N TYR A 122 9.98 -6.29 -5.11
CA TYR A 122 9.75 -4.91 -5.45
C TYR A 122 11.00 -4.14 -5.03
N LEU A 123 11.63 -3.42 -5.96
CA LEU A 123 12.86 -2.72 -5.57
C LEU A 123 12.60 -1.60 -4.60
N LEU A 124 11.41 -1.00 -4.64
CA LEU A 124 10.89 -0.07 -3.66
C LEU A 124 9.54 -0.49 -3.24
N GLY A 125 9.35 -0.50 -1.94
CA GLY A 125 8.04 -0.78 -1.42
C GLY A 125 7.11 0.37 -1.62
N SER A 126 5.83 0.14 -1.38
CA SER A 126 4.84 1.17 -1.72
CA SER A 126 4.83 1.16 -1.69
C SER A 126 4.97 2.45 -0.89
N ASN A 127 5.33 2.28 0.37
CA ASN A 127 5.47 3.43 1.23
C ASN A 127 6.78 4.17 0.93
N ALA A 128 7.86 3.44 0.76
CA ALA A 128 9.14 4.06 0.37
C ALA A 128 8.97 4.87 -0.91
N ALA A 129 8.29 4.29 -1.88
CA ALA A 129 8.14 5.01 -3.14
C ALA A 129 7.34 6.28 -2.99
N ALA A 130 6.22 6.20 -2.27
CA ALA A 130 5.39 7.38 -2.09
C ALA A 130 6.09 8.48 -1.33
N VAL A 131 6.80 8.08 -0.28
CA VAL A 131 7.46 9.05 0.58
C VAL A 131 8.62 9.74 -0.17
N VAL A 132 9.41 8.99 -0.92
CA VAL A 132 10.48 9.63 -1.65
CA VAL A 132 10.47 9.60 -1.72
C VAL A 132 9.91 10.62 -2.67
N ARG A 133 8.78 10.28 -3.32
CA ARG A 133 8.22 11.15 -4.32
C ARG A 133 7.53 12.38 -3.75
N HIS A 134 6.77 12.20 -2.65
CA HIS A 134 5.88 13.24 -2.14
C HIS A 134 6.36 14.07 -0.94
N ALA A 135 7.47 13.67 -0.29
CA ALA A 135 7.92 14.45 0.83
C ALA A 135 8.33 15.83 0.32
N GLU A 136 8.20 16.84 1.18
CA GLU A 136 8.65 18.17 0.86
C GLU A 136 10.11 18.39 1.23
N CYS A 137 10.67 17.47 2.01
CA CYS A 137 12.05 17.55 2.43
C CYS A 137 12.87 16.44 1.79
N SER A 138 14.16 16.43 2.04
CA SER A 138 15.04 15.39 1.58
C SER A 138 14.70 14.05 2.19
N VAL A 139 14.97 13.01 1.44
CA VAL A 139 14.66 11.66 1.83
C VAL A 139 15.83 10.73 1.55
N LEU A 140 16.25 9.99 2.58
CA LEU A 140 17.32 9.03 2.50
C LEU A 140 16.73 7.63 2.45
N VAL A 141 16.83 7.01 1.29
CA VAL A 141 16.43 5.60 1.09
C VAL A 141 17.60 4.71 1.39
N VAL A 142 17.45 3.89 2.43
CA VAL A 142 18.52 3.09 2.95
C VAL A 142 18.46 1.69 2.42
N ARG A 143 19.60 1.21 1.93
CA ARG A 143 19.73 -0.22 1.64
C ARG A 143 21.14 -0.67 1.91
N SER B 1 -8.40 -8.76 -26.24
CA SER B 1 -7.90 -9.60 -25.11
C SER B 1 -8.90 -10.72 -24.81
N ASN B 2 -8.41 -11.86 -24.29
N ASN B 2 -8.36 -11.86 -24.33
CA ASN B 2 -9.22 -13.06 -24.11
CA ASN B 2 -9.08 -13.13 -24.13
C ASN B 2 -9.50 -13.46 -22.66
C ASN B 2 -9.51 -13.35 -22.68
N ALA B 3 -8.59 -13.12 -21.73
CA ALA B 3 -8.88 -13.15 -20.30
C ALA B 3 -8.47 -11.82 -19.70
N ILE B 4 -9.45 -11.10 -19.20
CA ILE B 4 -9.26 -9.77 -18.66
C ILE B 4 -9.45 -9.82 -17.20
N LEU B 5 -8.45 -9.34 -16.40
CA LEU B 5 -8.53 -9.29 -15.01
C LEU B 5 -8.94 -7.91 -14.54
N VAL B 6 -9.96 -7.85 -13.71
CA VAL B 6 -10.55 -6.60 -13.28
C VAL B 6 -10.60 -6.55 -11.80
N PRO B 7 -9.51 -6.05 -11.15
CA PRO B 7 -9.50 -5.95 -9.72
C PRO B 7 -10.35 -4.79 -9.24
N ILE B 8 -11.17 -5.10 -8.25
CA ILE B 8 -12.06 -4.17 -7.62
C ILE B 8 -11.92 -4.13 -6.13
N ASP B 9 -11.76 -2.93 -5.59
CA ASP B 9 -11.74 -2.75 -4.14
C ASP B 9 -13.18 -2.52 -3.71
N ILE B 10 -13.78 -3.54 -3.09
CA ILE B 10 -15.20 -3.43 -2.76
C ILE B 10 -15.54 -2.41 -1.69
N SER B 11 -14.53 -1.86 -1.01
CA SER B 11 -14.79 -0.77 -0.10
C SER B 11 -14.90 0.55 -0.84
N ASP B 12 -14.49 0.64 -2.11
CA ASP B 12 -14.60 1.94 -2.81
C ASP B 12 -15.90 2.56 -2.34
N LYS B 13 -15.77 3.39 -1.30
CA LYS B 13 -16.82 4.28 -0.81
C LYS B 13 -17.63 4.71 -2.02
N GLU B 14 -16.93 5.31 -2.97
CA GLU B 14 -17.49 5.65 -4.28
C GLU B 14 -16.84 4.72 -5.29
N PHE B 15 -17.63 4.13 -6.17
CA PHE B 15 -17.09 3.25 -7.21
C PHE B 15 -16.40 4.08 -8.29
N THR B 16 -15.28 3.60 -8.85
CA THR B 16 -14.72 4.25 -10.04
C THR B 16 -15.60 3.89 -11.25
N GLU B 17 -16.72 4.62 -11.41
CA GLU B 17 -17.70 4.39 -12.48
CA GLU B 17 -17.69 4.36 -12.47
C GLU B 17 -17.09 4.27 -13.88
N ARG B 18 -16.00 5.02 -14.13
CA ARG B 18 -15.36 5.09 -15.48
C ARG B 18 -14.81 3.78 -15.98
N ILE B 19 -14.58 2.90 -15.03
CA ILE B 19 -14.06 1.60 -15.28
CA ILE B 19 -14.01 1.64 -15.43
C ILE B 19 -15.10 0.84 -16.14
N ILE B 20 -16.38 1.12 -15.89
CA ILE B 20 -17.45 0.27 -16.49
C ILE B 20 -17.35 0.26 -18.02
N SER B 21 -17.29 1.43 -18.62
CA SER B 21 -17.30 1.52 -20.09
C SER B 21 -16.05 0.89 -20.68
N HIS B 22 -14.90 1.10 -20.01
CA HIS B 22 -13.71 0.42 -20.51
C HIS B 22 -13.68 -1.08 -20.40
N VAL B 23 -14.15 -1.65 -19.29
CA VAL B 23 -14.23 -3.10 -19.15
C VAL B 23 -15.17 -3.66 -20.23
N GLU B 24 -16.32 -3.02 -20.36
CA GLU B 24 -17.34 -3.45 -21.34
C GLU B 24 -16.80 -3.42 -22.76
N SER B 25 -16.08 -2.36 -23.10
CA SER B 25 -15.54 -2.23 -24.44
CA SER B 25 -15.49 -2.18 -24.43
C SER B 25 -14.42 -3.23 -24.72
N GLU B 26 -13.52 -3.40 -23.74
CA GLU B 26 -12.42 -4.36 -23.90
C GLU B 26 -12.95 -5.80 -24.02
N ALA B 27 -14.01 -6.13 -23.27
CA ALA B 27 -14.54 -7.49 -23.29
C ALA B 27 -15.25 -7.76 -24.61
N ARG B 28 -15.83 -6.72 -25.19
CA ARG B 28 -16.51 -6.89 -26.51
C ARG B 28 -15.57 -7.11 -27.69
N ILE B 29 -14.29 -6.80 -27.53
CA ILE B 29 -13.34 -6.91 -28.64
C ILE B 29 -13.23 -8.35 -29.15
N ASP B 30 -13.06 -9.29 -28.20
CA ASP B 30 -13.01 -10.75 -28.47
C ASP B 30 -13.95 -11.61 -27.60
N ASP B 31 -15.07 -11.08 -27.05
CA ASP B 31 -15.95 -11.76 -26.03
C ASP B 31 -15.21 -12.41 -24.89
C ASP B 31 -14.91 -12.44 -25.12
N ALA B 32 -14.16 -11.70 -24.45
N ALA B 32 -14.28 -11.64 -24.29
CA ALA B 32 -13.27 -12.16 -23.40
C ALA B 32 -13.96 -12.71 -22.21
N GLU B 33 -13.25 -13.56 -21.49
CA GLU B 33 -13.64 -13.93 -20.15
C GLU B 33 -13.21 -12.80 -19.22
N VAL B 34 -14.11 -12.34 -18.37
CA VAL B 34 -13.89 -11.22 -17.47
C VAL B 34 -13.81 -11.73 -16.03
N HIS B 35 -12.63 -11.56 -15.41
CA HIS B 35 -12.36 -12.10 -14.10
C HIS B 35 -12.32 -11.00 -13.08
N PHE B 36 -13.37 -10.85 -12.30
CA PHE B 36 -13.40 -9.86 -11.23
C PHE B 36 -12.67 -10.45 -10.01
N LEU B 37 -11.81 -9.63 -9.38
CA LEU B 37 -11.07 -10.00 -8.22
C LEU B 37 -11.20 -8.95 -7.14
N THR B 38 -11.49 -9.37 -5.92
CA THR B 38 -11.32 -8.49 -4.79
C THR B 38 -10.40 -9.15 -3.75
N VAL B 39 -9.55 -8.30 -3.15
CA VAL B 39 -8.54 -8.78 -2.20
C VAL B 39 -8.87 -8.19 -0.83
N ILE B 40 -9.10 -9.12 0.11
N ILE B 40 -9.05 -9.07 0.15
CA ILE B 40 -9.32 -8.82 1.53
CA ILE B 40 -9.42 -8.63 1.49
C ILE B 40 -7.98 -8.59 2.16
C ILE B 40 -8.17 -8.82 2.38
N PRO B 41 -7.67 -7.34 2.52
N PRO B 41 -8.18 -8.23 3.57
CA PRO B 41 -6.35 -6.92 2.97
CA PRO B 41 -7.03 -8.29 4.49
C PRO B 41 -6.13 -7.23 4.43
C PRO B 41 -6.98 -9.63 5.18
N SER B 42 -5.80 -10.17 5.38
CA SER B 42 -5.67 -11.50 5.91
C SER B 42 -5.37 -11.42 7.39
N GLY B 59 -14.81 -14.82 11.12
CA GLY B 59 -14.15 -15.93 10.45
C GLY B 59 -13.82 -15.54 9.01
N MSE B 60 -12.71 -16.06 8.50
CA MSE B 60 -12.25 -15.70 7.16
C MSE B 60 -13.22 -16.24 6.10
O MSE B 60 -13.46 -15.56 5.13
CB MSE B 60 -10.84 -16.24 6.90
CG MSE B 60 -10.19 -15.85 5.59
SE MSE B 60 -10.25 -13.91 5.17
CE MSE B 60 -9.74 -13.31 6.92
N ASP B 61 -13.75 -17.46 6.28
CA ASP B 61 -14.67 -18.01 5.28
C ASP B 61 -15.94 -17.14 5.17
N GLU B 62 -16.40 -16.58 6.29
CA GLU B 62 -17.54 -15.69 6.31
C GLU B 62 -17.22 -14.38 5.59
N LEU B 63 -16.03 -13.86 5.86
CA LEU B 63 -15.61 -12.64 5.19
C LEU B 63 -15.45 -12.85 3.70
N ARG B 64 -14.92 -14.01 3.30
CA ARG B 64 -14.82 -14.33 1.90
C ARG B 64 -16.19 -14.35 1.23
N GLU B 65 -17.14 -14.99 1.89
CA GLU B 65 -18.48 -15.10 1.34
CA GLU B 65 -18.49 -15.09 1.37
C GLU B 65 -19.10 -13.71 1.19
N GLY B 66 -18.97 -12.86 2.19
CA GLY B 66 -19.55 -11.52 2.16
C GLY B 66 -18.89 -10.69 1.05
N SER B 67 -17.59 -10.82 0.94
CA SER B 67 -16.83 -10.08 -0.11
C SER B 67 -17.28 -10.51 -1.51
N GLU B 68 -17.45 -11.80 -1.71
CA GLU B 68 -17.93 -12.33 -2.98
C GLU B 68 -19.31 -11.77 -3.33
N THR B 69 -20.21 -11.74 -2.35
CA THR B 69 -21.55 -11.15 -2.56
C THR B 69 -21.43 -9.69 -3.00
N GLN B 70 -20.58 -8.92 -2.33
CA GLN B 70 -20.45 -7.52 -2.65
C GLN B 70 -19.82 -7.33 -4.04
N LEU B 71 -18.87 -8.19 -4.41
CA LEU B 71 -18.20 -8.13 -5.72
C LEU B 71 -19.25 -8.43 -6.82
N LYS B 72 -20.12 -9.40 -6.57
CA LYS B 72 -21.14 -9.75 -7.56
C LYS B 72 -22.15 -8.62 -7.71
N GLU B 73 -22.47 -7.92 -6.63
CA GLU B 73 -23.41 -6.80 -6.71
CA GLU B 73 -23.40 -6.81 -6.74
C GLU B 73 -22.81 -5.71 -7.60
N ILE B 74 -21.51 -5.44 -7.42
CA ILE B 74 -20.80 -4.45 -8.24
C ILE B 74 -20.80 -4.85 -9.70
N ALA B 75 -20.59 -6.13 -9.97
CA ALA B 75 -20.50 -6.65 -11.31
C ALA B 75 -21.82 -6.48 -12.08
N LYS B 76 -22.94 -6.34 -11.36
CA LYS B 76 -24.25 -6.16 -12.04
CA LYS B 76 -24.24 -6.17 -12.04
C LYS B 76 -24.31 -4.84 -12.78
N LYS B 77 -23.39 -3.93 -12.46
CA LYS B 77 -23.35 -2.63 -13.16
C LYS B 77 -22.77 -2.77 -14.57
N PHE B 78 -22.16 -3.93 -14.86
CA PHE B 78 -21.44 -4.15 -16.09
C PHE B 78 -22.29 -4.93 -17.12
N SER B 79 -22.32 -4.42 -18.33
CA SER B 79 -23.05 -5.07 -19.44
C SER B 79 -22.11 -6.06 -20.12
N ILE B 80 -22.02 -7.24 -19.53
CA ILE B 80 -21.20 -8.33 -19.96
C ILE B 80 -22.05 -9.62 -19.81
N PRO B 81 -21.95 -10.55 -20.77
CA PRO B 81 -22.75 -11.75 -20.60
C PRO B 81 -22.46 -12.53 -19.33
N GLU B 82 -23.48 -13.06 -18.73
CA GLU B 82 -23.34 -13.76 -17.42
C GLU B 82 -22.30 -14.86 -17.51
N ASP B 83 -22.28 -15.60 -18.63
CA ASP B 83 -21.38 -16.76 -18.82
CA ASP B 83 -21.39 -16.77 -18.72
C ASP B 83 -19.91 -16.41 -18.93
N ARG B 84 -19.64 -15.13 -19.19
CA ARG B 84 -18.26 -14.65 -19.33
C ARG B 84 -17.75 -14.07 -18.06
N MSE B 85 -18.55 -13.94 -17.01
CA MSE B 85 -18.03 -13.30 -15.77
CA MSE B 85 -18.06 -13.31 -15.76
C MSE B 85 -17.62 -14.36 -14.76
O MSE B 85 -18.29 -15.39 -14.56
CB MSE B 85 -19.06 -12.34 -15.19
CB MSE B 85 -19.16 -12.50 -15.10
CG MSE B 85 -19.31 -11.05 -16.03
CG MSE B 85 -19.62 -11.28 -15.84
SE MSE B 85 -20.46 -9.76 -15.15
SE MSE B 85 -21.08 -10.66 -14.79
CE MSE B 85 -22.15 -10.62 -15.49
CE MSE B 85 -21.17 -8.81 -15.27
N HIS B 86 -16.50 -14.09 -14.09
CA HIS B 86 -15.96 -15.00 -13.10
C HIS B 86 -15.56 -14.18 -11.91
N PHE B 87 -15.69 -14.78 -10.74
CA PHE B 87 -15.48 -14.06 -9.48
C PHE B 87 -14.41 -14.73 -8.64
N HIS B 88 -13.49 -13.91 -8.12
CA HIS B 88 -12.37 -14.36 -7.36
C HIS B 88 -12.23 -13.51 -6.12
N VAL B 89 -11.98 -14.17 -4.98
CA VAL B 89 -11.66 -13.50 -3.72
C VAL B 89 -10.31 -14.00 -3.22
N ALA B 90 -9.44 -13.07 -2.86
CA ALA B 90 -8.15 -13.40 -2.33
C ALA B 90 -7.93 -12.64 -1.02
N GLU B 91 -6.92 -13.06 -0.26
CA GLU B 91 -6.56 -12.37 0.96
C GLU B 91 -5.10 -12.01 0.99
N GLY B 92 -4.86 -10.80 1.46
CA GLY B 92 -3.55 -10.30 1.70
C GLY B 92 -3.31 -8.98 1.03
N SER B 93 -2.11 -8.86 0.47
CA SER B 93 -1.68 -7.67 -0.19
C SER B 93 -2.39 -7.54 -1.56
N PRO B 94 -3.10 -6.44 -1.81
CA PRO B 94 -3.81 -6.39 -3.11
C PRO B 94 -2.87 -6.53 -4.31
N LYS B 95 -1.77 -5.76 -4.35
CA LYS B 95 -0.89 -5.89 -5.49
C LYS B 95 -0.33 -7.31 -5.64
N ASP B 96 0.04 -7.99 -4.54
CA ASP B 96 0.64 -9.32 -4.66
C ASP B 96 -0.42 -10.29 -5.27
N LYS B 97 -1.66 -10.19 -4.78
CA LYS B 97 -2.69 -11.09 -5.22
C LYS B 97 -3.21 -10.80 -6.63
N ILE B 98 -3.28 -9.52 -7.00
CA ILE B 98 -3.57 -9.15 -8.34
C ILE B 98 -2.52 -9.73 -9.29
N LEU B 99 -1.22 -9.50 -8.98
CA LEU B 99 -0.21 -9.98 -9.87
C LEU B 99 -0.16 -11.51 -9.95
N ALA B 100 -0.42 -12.20 -8.83
CA ALA B 100 -0.40 -13.65 -8.79
C ALA B 100 -1.50 -14.22 -9.65
N LEU B 101 -2.67 -13.62 -9.59
CA LEU B 101 -3.79 -14.11 -10.41
C LEU B 101 -3.59 -13.78 -11.88
N ALA B 102 -3.06 -12.59 -12.19
CA ALA B 102 -2.72 -12.26 -13.53
C ALA B 102 -1.75 -13.29 -14.12
N LYS B 103 -0.81 -13.80 -13.33
CA LYS B 103 0.12 -14.80 -13.82
C LYS B 103 -0.53 -16.17 -13.97
N SER B 104 -1.38 -16.55 -13.02
CA SER B 104 -1.85 -17.91 -13.01
C SER B 104 -3.01 -18.15 -13.95
N LEU B 105 -3.79 -17.12 -14.26
CA LEU B 105 -4.96 -17.31 -15.13
C LEU B 105 -4.57 -17.97 -16.45
N PRO B 106 -3.68 -17.36 -17.28
CA PRO B 106 -3.09 -16.06 -17.15
C PRO B 106 -3.96 -15.00 -17.81
N ALA B 107 -3.83 -13.78 -17.31
CA ALA B 107 -4.53 -12.64 -17.87
C ALA B 107 -3.77 -12.17 -19.07
N ASP B 108 -4.51 -11.69 -20.07
CA ASP B 108 -4.01 -10.97 -21.25
CA ASP B 108 -3.80 -10.95 -21.13
C ASP B 108 -4.04 -9.47 -21.08
N LEU B 109 -4.84 -8.98 -20.13
CA LEU B 109 -5.03 -7.57 -19.84
C LEU B 109 -5.48 -7.46 -18.41
N VAL B 110 -4.91 -6.49 -17.69
CA VAL B 110 -5.43 -6.07 -16.42
C VAL B 110 -5.97 -4.66 -16.56
N ILE B 111 -7.19 -4.44 -16.09
CA ILE B 111 -7.84 -3.11 -16.12
C ILE B 111 -7.99 -2.60 -14.70
N ILE B 112 -7.34 -1.46 -14.41
CA ILE B 112 -7.31 -0.89 -13.07
CA ILE B 112 -7.29 -0.93 -13.06
C ILE B 112 -7.51 0.59 -13.07
N ALA B 113 -8.21 1.15 -12.11
CA ALA B 113 -8.31 2.60 -12.01
C ALA B 113 -6.99 3.17 -11.44
N SER B 114 -6.73 4.41 -11.78
CA SER B 114 -5.48 5.06 -11.34
C SER B 114 -5.40 5.17 -9.82
N HIS B 115 -6.52 5.47 -9.16
CA HIS B 115 -6.60 5.61 -7.71
C HIS B 115 -8.07 5.67 -7.31
N ARG B 116 -8.34 5.70 -6.02
CA ARG B 116 -9.72 5.84 -5.51
CA ARG B 116 -9.71 5.80 -5.53
C ARG B 116 -10.34 7.12 -6.01
N PRO B 117 -11.66 7.08 -6.31
CA PRO B 117 -12.25 8.28 -6.92
C PRO B 117 -12.12 9.57 -6.09
N ASP B 118 -12.17 9.46 -4.79
CA ASP B 118 -12.28 10.64 -3.92
C ASP B 118 -10.94 11.28 -3.49
N ILE B 119 -9.82 10.70 -3.91
CA ILE B 119 -8.49 11.09 -3.40
CA ILE B 119 -8.51 11.11 -3.40
C ILE B 119 -7.60 11.48 -4.57
N THR B 120 -7.09 12.72 -4.57
CA THR B 120 -6.29 13.26 -5.68
C THR B 120 -4.81 13.50 -5.36
N THR B 121 -4.40 13.28 -4.12
CA THR B 121 -3.00 13.53 -3.74
C THR B 121 -1.97 12.77 -4.57
N TYR B 122 -2.29 11.51 -4.87
CA TYR B 122 -1.38 10.62 -5.57
C TYR B 122 -1.92 10.39 -6.97
N LEU B 123 -1.14 10.71 -7.99
CA LEU B 123 -1.60 10.52 -9.36
C LEU B 123 -1.80 9.04 -9.70
N LEU B 124 -1.03 8.16 -9.08
CA LEU B 124 -1.26 6.70 -9.10
C LEU B 124 -1.25 6.21 -7.71
N GLY B 125 -2.24 5.37 -7.38
CA GLY B 125 -2.25 4.73 -6.11
C GLY B 125 -1.19 3.65 -6.05
N SER B 126 -0.96 3.12 -4.86
CA SER B 126 0.16 2.18 -4.71
C SER B 126 -0.03 0.87 -5.45
N ASN B 127 -1.26 0.38 -5.43
CA ASN B 127 -1.55 -0.85 -6.15
C ASN B 127 -1.53 -0.65 -7.67
N ALA B 128 -2.12 0.44 -8.17
CA ALA B 128 -2.06 0.77 -9.59
C ALA B 128 -0.60 0.87 -10.07
N ALA B 129 0.19 1.58 -9.29
CA ALA B 129 1.57 1.77 -9.68
C ALA B 129 2.32 0.44 -9.75
N ALA B 130 2.13 -0.42 -8.75
CA ALA B 130 2.83 -1.72 -8.74
C ALA B 130 2.37 -2.65 -9.83
N VAL B 131 1.06 -2.66 -10.08
CA VAL B 131 0.54 -3.52 -11.11
C VAL B 131 0.99 -3.10 -12.52
N VAL B 132 0.97 -1.81 -12.82
CA VAL B 132 1.46 -1.31 -14.12
CA VAL B 132 1.41 -1.37 -14.15
C VAL B 132 2.88 -1.74 -14.35
N ARG B 133 3.70 -1.62 -13.29
CA ARG B 133 5.14 -1.88 -13.41
C ARG B 133 5.45 -3.35 -13.50
N HIS B 134 4.78 -4.17 -12.68
CA HIS B 134 5.19 -5.58 -12.47
C HIS B 134 4.38 -6.66 -13.23
N ALA B 135 3.24 -6.31 -13.82
CA ALA B 135 2.49 -7.28 -14.54
C ALA B 135 3.29 -7.78 -15.74
N GLU B 136 3.06 -9.04 -16.09
CA GLU B 136 3.70 -9.60 -17.29
C GLU B 136 2.90 -9.37 -18.56
N CYS B 137 1.65 -8.95 -18.39
CA CYS B 137 0.77 -8.63 -19.50
C CYS B 137 0.54 -7.13 -19.61
N SER B 138 -0.23 -6.73 -20.61
CA SER B 138 -0.62 -5.36 -20.77
C SER B 138 -1.55 -4.92 -19.67
N VAL B 139 -1.48 -3.64 -19.36
CA VAL B 139 -2.27 -3.04 -18.30
C VAL B 139 -2.90 -1.73 -18.79
N LEU B 140 -4.20 -1.65 -18.59
CA LEU B 140 -4.98 -0.44 -18.92
C LEU B 140 -5.24 0.29 -17.60
N VAL B 141 -4.67 1.47 -17.46
CA VAL B 141 -4.94 2.34 -16.34
C VAL B 141 -6.00 3.30 -16.73
N VAL B 142 -7.15 3.20 -16.08
CA VAL B 142 -8.33 3.95 -16.42
C VAL B 142 -8.45 5.26 -15.63
N ARG B 143 -8.74 6.34 -16.34
CA ARG B 143 -9.06 7.67 -15.83
C ARG B 143 -10.22 8.29 -16.57
PG ATP C . 4.55 -3.09 0.98
O1G ATP C . 4.23 -4.55 0.69
O2G ATP C . 4.17 -2.12 -0.07
O3G ATP C . 4.06 -2.54 2.29
PB ATP C . 7.33 -3.22 1.98
O1B ATP C . 6.60 -3.57 3.31
O2B ATP C . 8.33 -4.17 1.53
O3B ATP C . 6.19 -2.97 0.87
PA ATP C . 7.30 -0.40 2.58
O1A ATP C . 6.04 -0.67 3.36
O2A ATP C . 7.34 0.70 1.58
O3A ATP C . 7.90 -1.69 2.04
O5' ATP C . 8.34 -0.06 3.81
C5' ATP C . 9.48 0.75 3.51
C4' ATP C . 9.59 1.60 4.78
O4' ATP C . 8.48 2.48 4.98
C3' ATP C . 9.73 0.86 6.08
O3' ATP C . 11.05 0.31 6.33
C2' ATP C . 9.38 1.98 7.01
O2' ATP C . 10.48 2.94 7.11
C1' ATP C . 8.25 2.70 6.34
N9 ATP C . 6.97 2.02 6.71
C8 ATP C . 6.30 1.07 6.04
N7 ATP C . 5.19 0.75 6.76
C5 ATP C . 5.18 1.53 7.86
C6 ATP C . 4.37 1.72 9.06
N6 ATP C . 3.23 0.99 9.18
N1 ATP C . 4.70 2.65 9.96
C2 ATP C . 5.83 3.40 9.87
N3 ATP C . 6.64 3.25 8.81
C4 ATP C . 6.38 2.35 7.85
MG MG D . 5.08 -2.30 4.15
C FMT E . 14.66 4.40 24.06
O1 FMT E . 14.58 5.60 24.38
O2 FMT E . 13.67 3.67 23.97
PG ATP F . -3.74 3.50 -1.75
O1G ATP F . -4.09 4.55 -0.71
O2G ATP F . -2.30 3.38 -2.13
O3G ATP F . -4.46 2.16 -1.59
PB ATP F . -5.74 4.19 -3.77
O1B ATP F . -6.63 3.36 -2.83
O2B ATP F . -6.18 5.53 -4.14
O3B ATP F . -4.28 4.20 -3.14
PA ATP F . -5.05 1.85 -5.33
O1A ATP F . -5.29 1.03 -4.11
O2A ATP F . -3.80 1.58 -6.09
O3A ATP F . -5.35 3.33 -5.09
O5' ATP F . -6.35 1.41 -6.24
C5' ATP F . -6.19 1.41 -7.65
C4' ATP F . -7.00 0.20 -8.14
O4' ATP F . -6.26 -0.95 -7.70
C3' ATP F . -8.38 0.02 -7.67
O3' ATP F . -9.34 0.74 -8.50
C2' ATP F . -8.51 -1.47 -7.94
O2' ATP F . -8.65 -1.73 -9.37
C1' ATP F . -7.17 -2.06 -7.51
N9 ATP F . -7.24 -2.34 -6.07
C8 ATP F . -6.89 -1.59 -5.01
N7 ATP F . -7.12 -2.27 -3.84
C5 ATP F . -7.70 -3.46 -4.19
C6 ATP F . -8.26 -4.60 -3.47
N6 ATP F . -8.25 -4.61 -2.11
N1 ATP F . -8.73 -5.62 -4.18
C2 ATP F . -8.75 -5.60 -5.52
N3 ATP F . -8.30 -4.55 -6.27
C4 ATP F . -7.81 -3.49 -5.63
MG MG G . -6.25 1.45 -2.26
C FMT H . 1.22 -13.75 -3.58
O1 FMT H . 2.26 -13.68 -4.24
O2 FMT H . 0.40 -14.64 -3.79
MG MG I . -24.40 -16.06 1.22
#